data_7NTJ
#
_entry.id   7NTJ
#
_cell.length_a   28.151
_cell.length_b   39.963
_cell.length_c   40.832
_cell.angle_alpha   94.897
_cell.angle_beta   108.777
_cell.angle_gamma   100.842
#
_symmetry.space_group_name_H-M   'P 1'
#
loop_
_entity.id
_entity.type
_entity.pdbx_description
1 polymer 'MAGUK p55 subfamily member 5'
2 polymer 'Envelope small membrane protein'
3 water water
#
loop_
_entity_poly.entity_id
_entity_poly.type
_entity_poly.pdbx_seq_one_letter_code
_entity_poly.pdbx_strand_id
1 'polypeptide(L)'
;GPLGSKIVRIEKARDIPLGATVRNEMDSVIISRIVKGGAAEKSGLLHEGDEVLEINGIEIRGKDVNEVFDLLSDMHGTLT
FVLIPSQ
;
B,A
2 'polypeptide(L)' EGVPDLLV G,C
#
# COMPACT_ATOMS: atom_id res chain seq x y z
N GLY A 1 -14.83 13.81 -1.18
CA GLY A 1 -14.02 13.29 -2.25
C GLY A 1 -14.83 12.50 -3.28
N PRO A 2 -14.15 11.79 -4.17
CA PRO A 2 -14.89 10.97 -5.15
C PRO A 2 -15.92 10.08 -4.47
N LEU A 3 -17.10 10.00 -5.09
CA LEU A 3 -18.26 9.33 -4.51
C LEU A 3 -18.57 9.79 -3.09
N GLY A 4 -18.12 10.98 -2.71
CA GLY A 4 -18.36 11.49 -1.38
C GLY A 4 -17.49 10.85 -0.33
N SER A 5 -16.33 10.33 -0.74
CA SER A 5 -15.45 9.59 0.14
C SER A 5 -14.55 10.53 0.94
N LYS A 6 -13.97 9.97 2.01
CA LYS A 6 -13.01 10.67 2.84
C LYS A 6 -11.76 9.82 2.95
N ILE A 7 -10.64 10.48 3.21
CA ILE A 7 -9.35 9.83 3.38
C ILE A 7 -9.07 9.73 4.87
N VAL A 8 -8.80 8.50 5.34
CA VAL A 8 -8.55 8.21 6.74
C VAL A 8 -7.25 7.41 6.82
N ARG A 9 -6.43 7.74 7.82
CA ARG A 9 -5.15 7.07 8.05
C ARG A 9 -5.29 6.09 9.21
N ILE A 10 -5.09 4.81 8.93
CA ILE A 10 -5.34 3.72 9.86
C ILE A 10 -4.03 3.01 10.12
N GLU A 11 -3.70 2.82 11.39
CA GLU A 11 -2.47 2.12 11.76
C GLU A 11 -2.71 0.62 11.74
N LYS A 12 -1.83 -0.12 11.09
CA LYS A 12 -1.90 -1.59 11.04
C LYS A 12 -0.62 -2.15 11.60
N ALA A 13 -0.72 -3.00 12.62
CA ALA A 13 0.40 -3.68 13.25
C ALA A 13 0.29 -5.17 12.92
N ARG A 14 1.41 -5.77 12.53
CA ARG A 14 1.40 -7.20 12.20
C ARG A 14 0.83 -8.00 13.36
N ASP A 15 -0.07 -8.93 13.04
CA ASP A 15 -0.71 -9.87 13.98
C ASP A 15 -1.67 -9.21 14.97
N ILE A 16 -1.96 -7.92 14.81
CA ILE A 16 -2.92 -7.21 15.64
C ILE A 16 -4.10 -6.82 14.76
N PRO A 17 -5.32 -7.22 15.08
CA PRO A 17 -6.44 -6.81 14.22
C PRO A 17 -6.71 -5.32 14.33
N LEU A 18 -7.26 -4.76 13.25
CA LEU A 18 -7.74 -3.39 13.31
C LEU A 18 -8.90 -3.24 14.29
N GLY A 19 -9.66 -4.31 14.49
CA GLY A 19 -10.79 -4.26 15.41
C GLY A 19 -12.10 -3.90 14.77
N ALA A 20 -12.31 -4.28 13.51
CA ALA A 20 -13.59 -4.09 12.85
C ALA A 20 -13.94 -5.33 12.06
N THR A 21 -15.22 -5.65 11.97
CA THR A 21 -15.66 -6.75 11.11
C THR A 21 -16.21 -6.17 9.81
N VAL A 22 -16.04 -6.91 8.71
CA VAL A 22 -16.45 -6.45 7.39
C VAL A 22 -17.31 -7.51 6.72
N ARG A 23 -18.18 -7.09 5.82
CA ARG A 23 -19.03 -8.00 5.06
C ARG A 23 -19.08 -7.52 3.62
N ASN A 24 -19.39 -8.43 2.70
CA ASN A 24 -19.71 -8.05 1.34
C ASN A 24 -21.19 -7.69 1.20
N GLU A 25 -21.47 -6.57 0.56
CA GLU A 25 -22.81 -6.07 0.24
C GLU A 25 -22.80 -5.80 -1.27
N MET A 26 -23.41 -6.69 -2.04
CA MET A 26 -23.37 -6.63 -3.51
C MET A 26 -21.90 -6.60 -3.91
N ASP A 27 -21.42 -5.54 -4.57
CA ASP A 27 -20.02 -5.46 -4.98
C ASP A 27 -19.21 -4.54 -4.09
N SER A 28 -19.62 -4.41 -2.83
CA SER A 28 -18.96 -3.52 -1.89
C SER A 28 -18.46 -4.28 -0.67
N VAL A 29 -17.51 -3.65 0.02
CA VAL A 29 -17.04 -4.07 1.34
C VAL A 29 -17.53 -3.03 2.34
N ILE A 30 -18.33 -3.48 3.31
CA ILE A 30 -18.95 -2.59 4.29
C ILE A 30 -18.48 -3.01 5.69
N ILE A 31 -18.19 -2.01 6.53
CA ILE A 31 -17.84 -2.27 7.92
C ILE A 31 -19.14 -2.56 8.67
N SER A 32 -19.22 -3.72 9.32
CA SER A 32 -20.44 -4.13 10.01
C SER A 32 -20.39 -3.91 11.51
N ARG A 33 -19.23 -4.01 12.14
CA ARG A 33 -19.13 -3.82 13.57
C ARG A 33 -17.81 -3.17 13.91
N ILE A 34 -17.82 -2.28 14.91
CA ILE A 34 -16.59 -1.77 15.51
C ILE A 34 -16.41 -2.49 16.85
N VAL A 35 -15.40 -3.35 16.96
CA VAL A 35 -15.33 -4.26 18.11
C VAL A 35 -15.02 -3.48 19.38
N LYS A 36 -15.87 -3.64 20.40
CA LYS A 36 -15.64 -2.98 21.67
C LYS A 36 -14.28 -3.37 22.23
N GLY A 37 -13.50 -2.37 22.64
CA GLY A 37 -12.18 -2.60 23.22
C GLY A 37 -11.08 -2.84 22.21
N GLY A 38 -11.39 -2.77 20.92
CA GLY A 38 -10.39 -2.90 19.89
C GLY A 38 -9.78 -1.57 19.48
N ALA A 39 -8.81 -1.68 18.56
CA ALA A 39 -8.05 -0.51 18.15
C ALA A 39 -8.90 0.48 17.38
N ALA A 40 -9.84 -0.01 16.58
CA ALA A 40 -10.69 0.86 15.77
C ALA A 40 -11.62 1.69 16.64
N GLU A 41 -12.13 1.11 17.73
CA GLU A 41 -12.93 1.90 18.64
C GLU A 41 -12.09 2.99 19.30
N LYS A 42 -10.88 2.62 19.74
CA LYS A 42 -9.99 3.55 20.42
C LYS A 42 -9.63 4.74 19.53
N SER A 43 -9.39 4.50 18.24
CA SER A 43 -9.01 5.59 17.35
C SER A 43 -10.20 6.45 16.93
N GLY A 44 -11.40 5.88 16.95
CA GLY A 44 -12.58 6.58 16.49
C GLY A 44 -12.66 6.81 15.00
N LEU A 45 -11.87 6.11 14.20
CA LEU A 45 -11.75 6.48 12.80
C LEU A 45 -12.63 5.69 11.84
N LEU A 46 -13.02 4.47 12.21
CA LEU A 46 -13.86 3.62 11.41
C LEU A 46 -15.22 3.45 12.08
N HIS A 47 -16.26 3.34 11.25
CA HIS A 47 -17.62 3.23 11.76
C HIS A 47 -18.45 2.25 10.96
N GLU A 48 -19.45 1.70 11.66
CA GLU A 48 -20.40 0.83 11.04
C GLU A 48 -21.05 1.53 9.86
N GLY A 49 -21.23 0.80 8.77
CA GLY A 49 -21.81 1.32 7.56
C GLY A 49 -20.82 1.93 6.60
N ASP A 50 -19.61 2.27 7.07
CA ASP A 50 -18.60 2.78 6.17
C ASP A 50 -18.34 1.78 5.04
N GLU A 51 -18.24 2.28 3.82
CA GLU A 51 -17.84 1.44 2.70
C GLU A 51 -16.36 1.67 2.43
N VAL A 52 -15.60 0.59 2.28
CA VAL A 52 -14.17 0.69 2.00
C VAL A 52 -14.00 0.68 0.49
N LEU A 53 -13.53 1.80 -0.09
CA LEU A 53 -13.27 1.86 -1.51
C LEU A 53 -11.83 1.52 -1.85
N GLU A 54 -10.88 1.97 -1.04
CA GLU A 54 -9.47 1.72 -1.30
C GLU A 54 -8.73 1.50 0.01
N ILE A 55 -7.70 0.66 -0.05
CA ILE A 55 -6.75 0.44 1.03
C ILE A 55 -5.36 0.59 0.44
N ASN A 56 -4.63 1.62 0.86
CA ASN A 56 -3.29 1.90 0.34
C ASN A 56 -3.23 1.80 -1.18
N GLY A 57 -4.17 2.49 -1.82
CA GLY A 57 -4.18 2.65 -3.26
C GLY A 57 -4.71 1.48 -4.04
N ILE A 58 -5.14 0.42 -3.34
CA ILE A 58 -5.69 -0.79 -3.95
C ILE A 58 -7.20 -0.66 -3.94
N GLU A 59 -7.80 -0.84 -5.10
CA GLU A 59 -9.24 -0.72 -5.24
C GLU A 59 -9.92 -1.94 -4.61
N ILE A 60 -10.87 -1.69 -3.72
CA ILE A 60 -11.50 -2.75 -2.94
C ILE A 60 -12.87 -3.16 -3.47
N ARG A 61 -13.56 -2.29 -4.20
CA ARG A 61 -14.83 -2.70 -4.76
C ARG A 61 -14.68 -3.97 -5.59
N GLY A 62 -15.59 -4.91 -5.36
CA GLY A 62 -15.58 -6.16 -6.06
C GLY A 62 -14.77 -7.25 -5.40
N LYS A 63 -14.02 -6.92 -4.35
CA LYS A 63 -13.17 -7.89 -3.68
C LYS A 63 -13.95 -8.58 -2.58
N ASP A 64 -13.71 -9.89 -2.45
CA ASP A 64 -14.16 -10.69 -1.31
C ASP A 64 -13.49 -10.23 -0.01
N VAL A 65 -14.27 -10.20 1.08
CA VAL A 65 -13.70 -9.82 2.36
C VAL A 65 -12.51 -10.72 2.72
N ASN A 66 -12.49 -11.97 2.22
CA ASN A 66 -11.34 -12.82 2.49
C ASN A 66 -10.08 -12.24 1.85
N GLU A 67 -10.22 -11.69 0.65
CA GLU A 67 -9.07 -11.07 0.02
C GLU A 67 -8.63 -9.83 0.78
N VAL A 68 -9.59 -9.05 1.29
CA VAL A 68 -9.26 -7.88 2.10
C VAL A 68 -8.46 -8.29 3.33
N PHE A 69 -8.90 -9.35 4.01
CA PHE A 69 -8.16 -9.84 5.17
C PHE A 69 -6.74 -10.23 4.76
N ASP A 70 -6.62 -10.96 3.66
CA ASP A 70 -5.31 -11.41 3.18
C ASP A 70 -4.43 -10.22 2.83
N LEU A 71 -4.98 -9.24 2.12
CA LEU A 71 -4.25 -8.02 1.80
C LEU A 71 -3.71 -7.36 3.05
N LEU A 72 -4.57 -7.17 4.06
CA LEU A 72 -4.14 -6.49 5.27
C LEU A 72 -3.13 -7.33 6.06
N SER A 73 -3.22 -8.66 5.97
CA SER A 73 -2.24 -9.47 6.68
C SER A 73 -0.84 -9.30 6.10
N ASP A 74 -0.74 -8.72 4.91
CA ASP A 74 0.52 -8.52 4.20
C ASP A 74 1.00 -7.08 4.30
N MET A 75 0.30 -6.27 5.09
CA MET A 75 0.63 -4.87 5.21
C MET A 75 0.86 -4.49 6.68
N HIS A 76 1.74 -3.52 6.90
CA HIS A 76 1.91 -2.93 8.23
C HIS A 76 2.30 -1.47 8.04
N GLY A 77 1.97 -0.66 9.04
CA GLY A 77 2.28 0.75 9.04
C GLY A 77 1.02 1.58 9.00
N THR A 78 1.20 2.83 8.59
CA THR A 78 0.07 3.75 8.46
C THR A 78 -0.53 3.57 7.07
N LEU A 79 -1.76 3.09 7.01
CA LEU A 79 -2.44 2.78 5.75
C LEU A 79 -3.46 3.87 5.42
N THR A 80 -3.60 4.14 4.12
CA THR A 80 -4.58 5.11 3.65
C THR A 80 -5.86 4.35 3.30
N PHE A 81 -6.93 4.61 4.04
CA PHE A 81 -8.25 4.06 3.76
C PHE A 81 -9.09 5.16 3.12
N VAL A 82 -9.70 4.84 1.99
CA VAL A 82 -10.69 5.71 1.37
C VAL A 82 -12.05 5.09 1.67
N LEU A 83 -12.88 5.83 2.40
CA LEU A 83 -14.16 5.35 2.90
C LEU A 83 -15.30 6.25 2.45
N ILE A 84 -16.46 5.64 2.23
CA ILE A 84 -17.72 6.36 2.09
C ILE A 84 -18.48 6.23 3.42
N PRO A 85 -18.65 7.32 4.19
CA PRO A 85 -19.45 7.20 5.41
C PRO A 85 -20.91 6.87 5.12
N SER A 86 -21.53 6.13 6.03
CA SER A 86 -22.96 5.84 5.90
C SER A 86 -23.79 7.01 6.41
N ASP B 5 -19.60 -11.75 10.88
CA ASP B 5 -18.82 -11.29 9.74
C ASP B 5 -17.34 -11.50 10.00
N LEU B 6 -16.48 -11.01 9.11
CA LEU B 6 -15.05 -11.28 9.15
C LEU B 6 -14.29 -10.19 9.90
N LEU B 7 -13.56 -10.58 10.93
CA LEU B 7 -12.72 -9.63 11.66
C LEU B 7 -11.45 -9.33 10.88
N VAL B 8 -11.17 -8.03 10.75
CA VAL B 8 -9.88 -7.56 10.26
C VAL B 8 -9.22 -6.70 11.33
N GLY C 1 11.07 2.65 12.11
CA GLY C 1 11.25 1.79 10.95
C GLY C 1 12.57 1.04 11.01
N PRO C 2 12.93 0.38 9.91
CA PRO C 2 14.20 -0.36 9.87
C PRO C 2 15.39 0.55 10.15
N LEU C 3 16.46 -0.06 10.65
CA LEU C 3 17.69 0.69 10.92
C LEU C 3 18.29 1.25 9.64
N GLY C 4 18.57 2.56 9.65
CA GLY C 4 19.17 3.22 8.51
C GLY C 4 18.22 3.55 7.38
N SER C 5 16.93 3.34 7.56
CA SER C 5 15.97 3.54 6.49
C SER C 5 15.44 4.97 6.50
N LYS C 6 14.82 5.35 5.39
CA LYS C 6 14.19 6.64 5.21
C LYS C 6 12.92 6.43 4.40
N ILE C 7 11.95 7.31 4.59
CA ILE C 7 10.66 7.23 3.92
C ILE C 7 10.60 8.34 2.87
N VAL C 8 10.15 7.98 1.67
CA VAL C 8 9.82 8.95 0.63
C VAL C 8 8.41 8.62 0.13
N ARG C 9 7.65 9.65 -0.20
CA ARG C 9 6.31 9.48 -0.73
C ARG C 9 6.36 9.65 -2.24
N ILE C 10 5.95 8.60 -2.97
CA ILE C 10 6.07 8.52 -4.42
C ILE C 10 4.68 8.44 -5.03
N GLU C 11 4.39 9.35 -5.95
CA GLU C 11 3.08 9.39 -6.58
C GLU C 11 3.05 8.37 -7.72
N LYS C 12 2.05 7.50 -7.70
CA LYS C 12 1.87 6.47 -8.71
C LYS C 12 0.54 6.71 -9.41
N ALA C 13 0.61 6.92 -10.72
CA ALA C 13 -0.55 7.03 -11.59
C ALA C 13 -0.69 5.77 -12.42
N ARG C 14 -1.92 5.28 -12.55
CA ARG C 14 -2.16 4.03 -13.26
C ARG C 14 -1.71 4.18 -14.71
N ASP C 15 -0.96 3.19 -15.19
CA ASP C 15 -0.42 3.11 -16.55
C ASP C 15 0.67 4.13 -16.83
N ILE C 16 1.19 4.80 -15.81
CA ILE C 16 2.30 5.74 -15.96
C ILE C 16 3.47 5.19 -15.17
N PRO C 17 4.65 4.99 -15.76
CA PRO C 17 5.76 4.46 -14.97
C PRO C 17 6.33 5.48 -13.99
N LEU C 18 6.84 4.96 -12.89
CA LEU C 18 7.52 5.85 -11.95
C LEU C 18 8.78 6.45 -12.56
N GLY C 19 9.42 5.73 -13.47
CA GLY C 19 10.62 6.24 -14.12
C GLY C 19 11.91 5.78 -13.48
N ALA C 20 11.95 4.53 -13.06
CA ALA C 20 13.16 3.96 -12.47
C ALA C 20 13.24 2.51 -12.89
N THR C 21 14.46 2.02 -13.11
CA THR C 21 14.68 0.59 -13.31
C THR C 21 15.15 -0.04 -12.01
N VAL C 22 14.84 -1.31 -11.83
CA VAL C 22 15.17 -2.02 -10.61
C VAL C 22 15.76 -3.37 -10.99
N ARG C 23 16.54 -3.91 -10.06
CA ARG C 23 17.13 -5.23 -10.20
C ARG C 23 17.10 -5.90 -8.85
N ASN C 24 17.14 -7.24 -8.86
CA ASN C 24 17.29 -8.02 -7.64
C ASN C 24 18.77 -8.18 -7.28
N GLU C 25 19.11 -7.99 -6.01
CA GLU C 25 20.45 -8.23 -5.48
C GLU C 25 20.24 -9.12 -4.26
N MET C 26 20.54 -10.42 -4.40
CA MET C 26 20.19 -11.42 -3.40
C MET C 26 18.69 -11.39 -3.13
N ASP C 27 18.30 -11.03 -1.90
CA ASP C 27 16.89 -11.07 -1.53
C ASP C 27 16.22 -9.69 -1.59
N SER C 28 16.87 -8.70 -2.15
CA SER C 28 16.37 -7.34 -2.08
C SER C 28 16.21 -6.74 -3.47
N VAL C 29 15.65 -5.54 -3.50
CA VAL C 29 15.39 -4.80 -4.73
C VAL C 29 16.19 -3.50 -4.67
N ILE C 30 17.02 -3.27 -5.68
CA ILE C 30 17.87 -2.09 -5.75
C ILE C 30 17.45 -1.26 -6.97
N ILE C 31 17.34 0.05 -6.78
CA ILE C 31 17.13 0.94 -7.92
C ILE C 31 18.44 1.05 -8.70
N SER C 32 18.37 0.75 -10.00
CA SER C 32 19.58 0.76 -10.82
C SER C 32 19.71 1.98 -11.73
N ARG C 33 18.61 2.67 -12.05
CA ARG C 33 18.70 3.85 -12.91
C ARG C 33 17.45 4.71 -12.72
N ILE C 34 17.68 6.01 -12.65
CA ILE C 34 16.61 7.00 -12.68
C ILE C 34 16.50 7.43 -14.13
N VAL C 35 15.37 7.11 -14.78
CA VAL C 35 15.23 7.26 -16.22
C VAL C 35 15.18 8.74 -16.58
N LYS C 36 15.98 9.14 -17.55
CA LYS C 36 16.00 10.52 -17.99
C LYS C 36 14.61 10.95 -18.44
N GLY C 37 14.16 12.10 -17.95
CA GLY C 37 12.89 12.68 -18.34
C GLY C 37 11.67 12.06 -17.69
N GLY C 38 11.83 11.07 -16.82
CA GLY C 38 10.70 10.48 -16.13
C GLY C 38 10.37 11.20 -14.83
N ALA C 39 9.32 10.70 -14.17
CA ALA C 39 8.80 11.38 -12.99
C ALA C 39 9.78 11.29 -11.83
N ALA C 40 10.46 10.15 -11.70
CA ALA C 40 11.40 10.00 -10.59
C ALA C 40 12.56 10.98 -10.73
N GLU C 41 13.00 11.26 -11.96
CA GLU C 41 14.07 12.22 -12.14
C GLU C 41 13.62 13.62 -11.71
N LYS C 42 12.39 13.99 -12.06
CA LYS C 42 11.90 15.34 -11.75
C LYS C 42 11.70 15.52 -10.25
N SER C 43 11.28 14.46 -9.55
CA SER C 43 10.97 14.60 -8.14
C SER C 43 12.22 14.56 -7.29
N GLY C 44 13.24 13.83 -7.72
CA GLY C 44 14.47 13.73 -6.97
C GLY C 44 14.40 12.84 -5.74
N LEU C 45 13.36 12.02 -5.62
CA LEU C 45 13.14 11.30 -4.37
C LEU C 45 13.78 9.94 -4.37
N LEU C 46 14.01 9.35 -5.55
CA LEU C 46 14.66 8.06 -5.69
C LEU C 46 16.02 8.23 -6.36
N HIS C 47 16.97 7.38 -5.98
CA HIS C 47 18.34 7.49 -6.49
C HIS C 47 18.94 6.12 -6.77
N GLU C 48 19.88 6.09 -7.71
CA GLU C 48 20.60 4.85 -8.01
C GLU C 48 21.18 4.28 -6.72
N GLY C 49 20.97 2.99 -6.52
CA GLY C 49 21.55 2.28 -5.40
C GLY C 49 20.65 2.16 -4.20
N ASP C 50 19.56 2.93 -4.16
CA ASP C 50 18.59 2.82 -3.08
C ASP C 50 18.05 1.38 -3.03
N GLU C 51 17.95 0.84 -1.82
CA GLU C 51 17.34 -0.45 -1.58
C GLU C 51 15.90 -0.20 -1.16
N VAL C 52 14.95 -0.85 -1.83
CA VAL C 52 13.53 -0.67 -1.54
C VAL C 52 13.10 -1.76 -0.57
N LEU C 53 12.85 -1.36 0.68
CA LEU C 53 12.47 -2.33 1.70
C LEU C 53 10.97 -2.56 1.72
N GLU C 54 10.17 -1.52 1.53
CA GLU C 54 8.73 -1.66 1.61
C GLU C 54 8.11 -0.69 0.62
N ILE C 55 6.96 -1.08 0.06
CA ILE C 55 6.13 -0.22 -0.79
C ILE C 55 4.72 -0.28 -0.21
N ASN C 56 4.24 0.86 0.29
CA ASN C 56 2.91 0.94 0.91
C ASN C 56 2.64 -0.22 1.87
N GLY C 57 3.61 -0.45 2.74
CA GLY C 57 3.41 -1.37 3.82
C GLY C 57 3.66 -2.82 3.50
N ILE C 58 3.96 -3.15 2.24
CA ILE C 58 4.26 -4.51 1.78
C ILE C 58 5.77 -4.67 1.75
N GLU C 59 6.26 -5.71 2.43
CA GLU C 59 7.70 -5.97 2.49
C GLU C 59 8.13 -6.52 1.13
N ILE C 60 9.21 -5.95 0.59
CA ILE C 60 9.71 -6.35 -0.72
C ILE C 60 10.76 -7.47 -0.67
N ARG C 61 11.35 -7.72 0.49
CA ARG C 61 12.33 -8.79 0.58
C ARG C 61 11.76 -10.08 -0.01
N GLY C 62 12.57 -10.71 -0.87
CA GLY C 62 12.21 -11.97 -1.47
C GLY C 62 11.34 -11.87 -2.71
N LYS C 63 10.92 -10.68 -3.08
CA LYS C 63 10.09 -10.52 -4.27
C LYS C 63 10.97 -10.26 -5.48
N ASP C 64 10.69 -10.99 -6.56
CA ASP C 64 11.33 -10.73 -7.84
C ASP C 64 10.86 -9.37 -8.36
N VAL C 65 11.66 -8.74 -9.22
CA VAL C 65 11.29 -7.39 -9.67
C VAL C 65 9.98 -7.40 -10.45
N ASN C 66 9.65 -8.51 -11.09
CA ASN C 66 8.40 -8.55 -11.84
C ASN C 66 7.21 -8.59 -10.90
N GLU C 67 7.39 -9.17 -9.71
CA GLU C 67 6.34 -9.12 -8.69
C GLU C 67 6.18 -7.68 -8.18
N VAL C 68 7.27 -6.93 -8.11
CA VAL C 68 7.17 -5.52 -7.71
C VAL C 68 6.45 -4.72 -8.79
N PHE C 69 6.74 -5.00 -10.05
CA PHE C 69 6.01 -4.36 -11.13
C PHE C 69 4.52 -4.58 -10.98
N ASP C 70 4.12 -5.84 -10.73
CA ASP C 70 2.72 -6.16 -10.56
C ASP C 70 2.11 -5.43 -9.37
N LEU C 71 2.80 -5.43 -8.23
CA LEU C 71 2.37 -4.71 -7.04
C LEU C 71 2.05 -3.25 -7.37
N LEU C 72 2.98 -2.57 -8.04
CA LEU C 72 2.76 -1.18 -8.40
C LEU C 72 1.63 -1.01 -9.41
N SER C 73 1.42 -2.01 -10.29
CA SER C 73 0.32 -1.92 -11.24
C SER C 73 -1.04 -2.03 -10.56
N ASP C 74 -1.08 -2.48 -9.30
CA ASP C 74 -2.33 -2.63 -8.58
C ASP C 74 -2.66 -1.41 -7.74
N MET C 75 -1.74 -0.47 -7.62
CA MET C 75 -1.86 0.68 -6.72
C MET C 75 -1.90 1.97 -7.52
N HIS C 76 -2.49 2.99 -6.92
CA HIS C 76 -2.41 4.33 -7.46
C HIS C 76 -2.53 5.29 -6.29
N GLY C 77 -1.95 6.47 -6.44
CA GLY C 77 -1.98 7.47 -5.40
C GLY C 77 -0.60 7.69 -4.82
N THR C 78 -0.59 8.23 -3.60
CA THR C 78 0.65 8.55 -2.90
C THR C 78 1.10 7.32 -2.15
N LEU C 79 2.23 6.75 -2.57
CA LEU C 79 2.74 5.51 -2.03
C LEU C 79 3.91 5.80 -1.08
N THR C 80 3.94 5.07 0.03
CA THR C 80 5.03 5.17 0.98
C THR C 80 6.13 4.18 0.62
N PHE C 81 7.32 4.68 0.28
CA PHE C 81 8.49 3.83 0.05
C PHE C 81 9.39 3.91 1.26
N VAL C 82 9.78 2.75 1.80
CA VAL C 82 10.82 2.68 2.81
C VAL C 82 12.09 2.25 2.11
N LEU C 83 13.14 3.05 2.23
CA LEU C 83 14.39 2.82 1.50
C LEU C 83 15.58 2.76 2.45
N ILE C 84 16.59 2.01 2.05
CA ILE C 84 17.92 2.19 2.62
C ILE C 84 18.67 3.03 1.59
N PRO C 85 18.88 4.33 1.83
CA PRO C 85 19.49 5.18 0.78
C PRO C 85 20.89 4.72 0.44
N SER C 86 21.27 4.95 -0.80
CA SER C 86 22.63 4.67 -1.28
C SER C 86 23.65 5.52 -0.54
N GLY D 2 22.00 -11.86 -15.50
CA GLY D 2 22.33 -11.38 -16.83
C GLY D 2 21.15 -10.77 -17.57
N VAL D 3 19.99 -10.74 -16.91
CA VAL D 3 18.78 -10.17 -17.50
C VAL D 3 18.84 -8.65 -17.35
N PRO D 4 18.25 -7.89 -18.27
CA PRO D 4 18.26 -6.43 -18.12
C PRO D 4 17.38 -5.96 -16.95
N ASP D 5 17.71 -4.78 -16.45
CA ASP D 5 16.93 -4.20 -15.37
C ASP D 5 15.51 -3.87 -15.84
N LEU D 6 14.57 -3.86 -14.90
CA LEU D 6 13.15 -3.76 -15.23
C LEU D 6 12.64 -2.37 -14.91
N LEU D 7 11.92 -1.77 -15.86
CA LEU D 7 11.34 -0.46 -15.65
C LEU D 7 10.05 -0.54 -14.83
N VAL D 8 9.94 0.32 -13.81
CA VAL D 8 8.71 0.46 -13.04
C VAL D 8 8.32 1.94 -13.08
#